data_3CRA
#
_entry.id   3CRA
#
_cell.length_a   62.789
_cell.length_b   67.568
_cell.length_c   140.425
_cell.angle_alpha   90.00
_cell.angle_beta   90.00
_cell.angle_gamma   90.00
#
_symmetry.space_group_name_H-M   'P 21 21 21'
#
loop_
_entity.id
_entity.type
_entity.pdbx_description
1 polymer 'Protein mazG'
2 water water
#
_entity_poly.entity_id   1
_entity_poly.type   'polypeptide(L)'
_entity_poly.pdbx_seq_one_letter_code
;GHMNQIDRLLTIMQRLRDPENGCPWDKEQTFATIAPYTLEETYEVLDAIAREDFDDLRGELGDLLFQVVFYAQMAQEEGR
FDFNDICAAISDKLERRHPHVFADSSAENSSEVLARWEQIKTEERAQKAQHSALDDIPRSLPALMRAQKIQKRCANVGFD
WTTLGPVVDKVYEEIDEVMYEARQAVVDQAKLEEEMGDLLFATVNLARHLGTKAEIALQKANEKFERRFREVERIVAARG
LEMTGVDLETMEEVWQQVKRQEIDL
;
_entity_poly.pdbx_strand_id   A,B
#
# COMPACT_ATOMS: atom_id res chain seq x y z
N ASN A 4 -25.25 18.26 -10.01
CA ASN A 4 -26.27 17.80 -11.00
C ASN A 4 -25.74 16.83 -12.07
N GLN A 5 -24.50 17.00 -12.52
CA GLN A 5 -23.84 15.95 -13.35
C GLN A 5 -23.84 14.56 -12.66
N ILE A 6 -23.65 14.52 -11.33
CA ILE A 6 -23.81 13.25 -10.62
C ILE A 6 -25.09 12.47 -11.01
N ASP A 7 -26.19 13.22 -11.18
CA ASP A 7 -27.45 12.60 -11.53
C ASP A 7 -27.46 11.99 -12.94
N ARG A 8 -26.67 12.57 -13.86
CA ARG A 8 -26.45 12.04 -15.19
C ARG A 8 -25.72 10.72 -15.09
N LEU A 9 -24.58 10.79 -14.39
CA LEU A 9 -23.77 9.59 -14.07
C LEU A 9 -24.66 8.42 -13.57
N LEU A 10 -25.50 8.71 -12.57
CA LEU A 10 -26.41 7.68 -11.98
C LEU A 10 -27.37 7.05 -12.99
N THR A 11 -28.00 7.89 -13.83
CA THR A 11 -28.93 7.33 -14.81
C THR A 11 -28.19 6.62 -15.95
N ILE A 12 -27.07 7.19 -16.40
CA ILE A 12 -26.24 6.53 -17.40
C ILE A 12 -25.88 5.15 -16.90
N MET A 13 -25.32 5.09 -15.66
CA MET A 13 -25.09 3.81 -14.96
C MET A 13 -26.31 2.89 -14.91
N GLN A 14 -27.46 3.46 -14.57
CA GLN A 14 -28.73 2.74 -14.62
C GLN A 14 -29.00 2.26 -16.04
N ARG A 15 -28.98 3.20 -16.99
CA ARG A 15 -29.25 2.86 -18.38
C ARG A 15 -28.29 1.82 -18.97
N LEU A 16 -27.03 1.81 -18.51
CA LEU A 16 -26.02 0.81 -18.92
C LEU A 16 -26.36 -0.60 -18.47
N ARG A 17 -27.00 -0.69 -17.32
CA ARG A 17 -27.46 -2.01 -16.85
C ARG A 17 -28.93 -2.32 -17.09
N ASP A 18 -29.69 -1.27 -17.43
CA ASP A 18 -31.07 -1.38 -17.90
C ASP A 18 -31.27 -2.72 -18.65
N PRO A 19 -32.13 -3.60 -18.10
CA PRO A 19 -32.13 -4.97 -18.59
C PRO A 19 -33.43 -5.50 -19.22
N GLU A 20 -33.57 -5.62 -20.54
CA GLU A 20 -33.31 -4.64 -21.61
C GLU A 20 -33.36 -3.12 -21.22
N ASN A 21 -32.61 -2.19 -21.85
CA ASN A 21 -31.33 -2.29 -22.60
C ASN A 21 -30.41 -1.11 -22.09
N GLY A 22 -29.14 -1.34 -21.69
CA GLY A 22 -28.35 -2.57 -21.88
C GLY A 22 -27.74 -2.55 -23.27
N CYS A 23 -26.41 -2.67 -23.44
CA CYS A 23 -25.40 -2.88 -22.39
C CYS A 23 -24.06 -2.11 -22.60
N PRO A 24 -22.86 -2.79 -22.79
CA PRO A 24 -22.08 -4.07 -22.90
C PRO A 24 -22.70 -5.51 -22.59
N TRP A 25 -22.16 -6.41 -21.74
CA TRP A 25 -20.90 -6.41 -20.93
C TRP A 25 -21.04 -5.88 -19.49
N ASP A 26 -21.37 -4.60 -19.37
CA ASP A 26 -21.71 -4.01 -18.08
C ASP A 26 -22.65 -4.95 -17.36
N LYS A 27 -23.74 -5.28 -18.03
CA LYS A 27 -24.74 -6.21 -17.53
C LYS A 27 -24.14 -7.46 -16.91
N GLU A 28 -23.08 -8.00 -17.51
CA GLU A 28 -22.43 -9.24 -17.02
C GLU A 28 -21.38 -9.01 -15.92
N GLN A 29 -21.10 -7.75 -15.59
CA GLN A 29 -20.17 -7.43 -14.50
C GLN A 29 -20.92 -7.66 -13.17
N THR A 30 -20.18 -8.16 -12.18
CA THR A 30 -20.59 -8.44 -10.82
C THR A 30 -19.63 -7.71 -9.83
N PHE A 31 -19.81 -7.86 -8.50
CA PHE A 31 -18.91 -7.22 -7.51
C PHE A 31 -17.45 -7.76 -7.70
N ALA A 32 -17.36 -9.06 -7.93
CA ALA A 32 -16.10 -9.75 -8.17
C ALA A 32 -15.37 -9.30 -9.43
N THR A 33 -16.09 -9.09 -10.52
CA THR A 33 -15.41 -8.67 -11.74
C THR A 33 -14.95 -7.21 -11.74
N ILE A 34 -15.59 -6.32 -10.97
CA ILE A 34 -15.20 -4.93 -10.86
C ILE A 34 -14.01 -4.80 -9.88
N ALA A 35 -13.92 -5.66 -8.89
CA ALA A 35 -12.82 -5.60 -7.92
C ALA A 35 -11.42 -5.27 -8.48
N PRO A 36 -10.87 -6.08 -9.43
CA PRO A 36 -9.48 -5.75 -9.88
C PRO A 36 -9.40 -4.41 -10.58
N TYR A 37 -10.42 -4.02 -11.33
CA TYR A 37 -10.42 -2.64 -11.84
C TYR A 37 -10.31 -1.56 -10.75
N THR A 38 -10.94 -1.78 -9.60
CA THR A 38 -10.82 -0.80 -8.52
C THR A 38 -9.38 -0.70 -8.00
N LEU A 39 -8.73 -1.84 -7.88
CA LEU A 39 -7.32 -1.91 -7.48
C LEU A 39 -6.44 -1.16 -8.52
N GLU A 40 -6.63 -1.51 -9.79
CA GLU A 40 -5.92 -0.90 -10.88
C GLU A 40 -6.13 0.54 -10.81
N GLU A 41 -7.39 0.97 -10.74
CA GLU A 41 -7.71 2.41 -10.76
C GLU A 41 -7.17 3.19 -9.59
N THR A 42 -7.25 2.68 -8.38
CA THR A 42 -6.63 3.36 -7.25
C THR A 42 -5.09 3.70 -7.41
N TYR A 43 -4.33 2.78 -7.99
CA TYR A 43 -2.90 3.08 -8.23
C TYR A 43 -2.74 4.15 -9.30
N GLU A 44 -3.68 4.22 -10.23
CA GLU A 44 -3.63 5.28 -11.25
C GLU A 44 -3.91 6.63 -10.64
N VAL A 45 -4.95 6.70 -9.81
CA VAL A 45 -5.12 7.84 -8.92
C VAL A 45 -3.83 8.23 -8.19
N LEU A 46 -3.22 7.29 -7.46
CA LEU A 46 -1.98 7.59 -6.69
C LEU A 46 -0.82 8.00 -7.63
N ASP A 47 -0.76 7.47 -8.84
CA ASP A 47 0.26 7.88 -9.81
C ASP A 47 0.04 9.30 -10.33
N ALA A 48 -1.19 9.62 -10.77
CA ALA A 48 -1.54 11.01 -11.16
C ALA A 48 -1.26 12.01 -10.05
N ILE A 49 -1.39 11.59 -8.80
CA ILE A 49 -1.00 12.42 -7.64
C ILE A 49 0.50 12.61 -7.52
N ALA A 50 1.27 11.52 -7.42
CA ALA A 50 2.76 11.55 -7.40
C ALA A 50 3.40 12.43 -8.50
N ARG A 51 2.84 12.38 -9.72
CA ARG A 51 3.23 13.19 -10.87
C ARG A 51 2.65 14.62 -10.85
N GLU A 52 1.79 14.88 -9.87
CA GLU A 52 0.99 16.10 -9.71
C GLU A 52 0.30 16.68 -10.94
N ASP A 53 -0.23 15.84 -11.84
CA ASP A 53 -1.07 16.45 -12.86
C ASP A 53 -2.58 16.20 -12.70
N PHE A 54 -3.31 17.31 -12.76
CA PHE A 54 -4.70 17.32 -12.40
C PHE A 54 -5.68 17.10 -13.58
N ASP A 55 -5.22 17.30 -14.82
CA ASP A 55 -5.93 16.76 -16.01
C ASP A 55 -6.13 15.25 -15.90
N ASP A 56 -5.00 14.58 -15.73
CA ASP A 56 -4.97 13.14 -15.40
C ASP A 56 -5.85 12.77 -14.19
N LEU A 57 -5.62 13.42 -13.05
CA LEU A 57 -6.30 13.14 -11.81
C LEU A 57 -7.87 13.25 -11.84
N ARG A 58 -8.37 14.33 -12.44
CA ARG A 58 -9.79 14.53 -12.62
C ARG A 58 -10.41 13.45 -13.47
N GLY A 59 -9.68 12.97 -14.47
CA GLY A 59 -10.10 11.80 -15.27
C GLY A 59 -10.15 10.54 -14.40
N GLU A 60 -9.05 10.29 -13.68
CA GLU A 60 -8.89 9.06 -12.90
C GLU A 60 -9.94 9.02 -11.75
N LEU A 61 -10.18 10.14 -11.07
CA LEU A 61 -11.23 10.21 -10.04
C LEU A 61 -12.64 9.90 -10.62
N GLY A 62 -12.93 10.45 -11.78
CA GLY A 62 -14.08 10.06 -12.56
C GLY A 62 -14.18 8.56 -12.69
N ASP A 63 -13.06 7.92 -12.97
CA ASP A 63 -13.11 6.47 -13.13
C ASP A 63 -13.33 5.69 -11.85
N LEU A 64 -12.87 6.25 -10.74
CA LEU A 64 -12.99 5.74 -9.38
C LEU A 64 -14.47 5.85 -8.90
N LEU A 65 -15.02 7.06 -8.92
CA LEU A 65 -16.46 7.29 -8.93
C LEU A 65 -17.18 6.30 -9.83
N PHE A 66 -16.88 6.25 -11.11
CA PHE A 66 -17.69 5.39 -11.92
C PHE A 66 -17.82 4.04 -11.18
N GLN A 67 -16.72 3.63 -10.53
CA GLN A 67 -16.55 2.34 -9.80
C GLN A 67 -17.55 2.32 -8.67
N VAL A 68 -17.50 3.36 -7.86
CA VAL A 68 -18.36 3.43 -6.68
C VAL A 68 -19.83 3.38 -7.09
N VAL A 69 -20.14 3.97 -8.24
CA VAL A 69 -21.53 4.12 -8.73
C VAL A 69 -21.93 2.77 -9.27
N PHE A 70 -20.96 2.12 -9.91
CA PHE A 70 -21.16 0.78 -10.42
C PHE A 70 -21.52 -0.20 -9.27
N TYR A 71 -20.75 -0.18 -8.20
CA TYR A 71 -21.05 -1.02 -7.02
C TYR A 71 -22.45 -0.70 -6.42
N ALA A 72 -22.77 0.59 -6.25
CA ALA A 72 -24.06 1.04 -5.69
C ALA A 72 -25.23 0.49 -6.50
N GLN A 73 -25.10 0.49 -7.82
CA GLN A 73 -26.14 0.06 -8.75
C GLN A 73 -26.33 -1.41 -8.62
N MET A 74 -25.21 -2.15 -8.62
CA MET A 74 -25.30 -3.56 -8.48
C MET A 74 -25.89 -3.94 -7.12
N ALA A 75 -25.56 -3.16 -6.08
CA ALA A 75 -26.17 -3.36 -4.75
C ALA A 75 -27.69 -3.00 -4.81
N GLN A 76 -28.07 -2.00 -5.62
CA GLN A 76 -29.45 -1.51 -5.60
C GLN A 76 -30.40 -2.43 -6.32
N GLU A 77 -29.88 -3.08 -7.37
CA GLU A 77 -30.46 -4.19 -8.06
C GLU A 77 -30.74 -5.41 -7.18
N GLU A 78 -30.07 -5.53 -6.04
CA GLU A 78 -30.41 -6.62 -5.11
C GLU A 78 -31.14 -6.09 -3.88
N GLY A 79 -31.45 -4.80 -3.85
CA GLY A 79 -32.20 -4.13 -2.81
C GLY A 79 -31.46 -3.80 -1.53
N ARG A 80 -30.13 -3.84 -1.58
CA ARG A 80 -29.31 -3.79 -0.37
C ARG A 80 -29.15 -2.37 0.01
N PHE A 81 -28.69 -1.55 -0.94
CA PHE A 81 -28.54 -0.10 -0.75
C PHE A 81 -28.37 0.58 -2.10
N ASP A 82 -28.46 1.89 -2.09
CA ASP A 82 -28.21 2.75 -3.23
C ASP A 82 -27.16 3.79 -2.90
N PHE A 83 -26.78 4.57 -3.92
CA PHE A 83 -25.78 5.62 -3.79
C PHE A 83 -26.09 6.60 -2.67
N ASN A 84 -27.32 7.12 -2.64
CA ASN A 84 -27.77 8.02 -1.54
C ASN A 84 -27.58 7.43 -0.14
N ASP A 85 -27.90 6.13 0.05
CA ASP A 85 -27.62 5.44 1.36
C ASP A 85 -26.08 5.38 1.66
N ILE A 86 -25.24 5.14 0.63
CA ILE A 86 -23.78 5.26 0.83
C ILE A 86 -23.48 6.70 1.29
N CYS A 87 -23.96 7.70 0.56
CA CYS A 87 -23.62 9.07 0.94
C CYS A 87 -24.23 9.40 2.28
N ALA A 88 -25.44 8.90 2.55
CA ALA A 88 -26.11 9.07 3.88
C ALA A 88 -25.28 8.56 5.05
N ALA A 89 -24.81 7.33 4.96
CA ALA A 89 -24.00 6.74 6.03
C ALA A 89 -22.64 7.42 6.26
N ILE A 90 -21.86 7.74 5.22
CA ILE A 90 -20.60 8.50 5.50
C ILE A 90 -20.92 9.88 6.11
N SER A 91 -21.86 10.61 5.51
CA SER A 91 -22.27 11.90 6.04
C SER A 91 -22.62 11.82 7.50
N ASP A 92 -23.30 10.75 7.90
CA ASP A 92 -23.75 10.55 9.30
C ASP A 92 -22.53 10.38 10.16
N LYS A 93 -21.65 9.50 9.72
CA LYS A 93 -20.42 9.18 10.43
C LYS A 93 -19.48 10.38 10.60
N LEU A 94 -19.34 11.19 9.56
CA LEU A 94 -18.47 12.34 9.61
C LEU A 94 -19.06 13.41 10.54
N GLU A 95 -20.41 13.49 10.56
CA GLU A 95 -21.14 14.47 11.38
C GLU A 95 -20.98 14.14 12.85
N ARG A 96 -21.46 12.96 13.23
CA ARG A 96 -21.26 12.38 14.54
C ARG A 96 -19.81 12.37 15.05
N ARG A 97 -18.85 12.86 14.27
CA ARG A 97 -17.41 12.83 14.65
C ARG A 97 -16.66 14.17 14.62
N LEU A 114 -11.71 17.61 12.75
CA LEU A 114 -12.25 16.47 11.97
C LEU A 114 -11.37 16.19 10.78
N ALA A 115 -10.68 15.08 10.81
CA ALA A 115 -11.17 13.87 11.42
C ALA A 115 -10.72 13.54 12.83
N ARG A 116 -9.92 12.48 13.06
CA ARG A 116 -9.08 11.78 12.05
C ARG A 116 -9.70 10.60 11.23
N TRP A 117 -8.90 10.10 10.27
CA TRP A 117 -9.27 8.97 9.43
C TRP A 117 -8.96 7.65 10.14
N GLU A 118 -8.02 7.72 11.08
CA GLU A 118 -7.70 6.61 11.95
C GLU A 118 -8.88 6.35 12.87
N GLN A 119 -9.48 7.42 13.35
CA GLN A 119 -10.57 7.34 14.31
C GLN A 119 -11.78 6.56 13.74
N ILE A 120 -12.23 7.00 12.56
CA ILE A 120 -13.30 6.39 11.77
C ILE A 120 -13.08 4.89 11.56
N LYS A 121 -11.85 4.55 11.17
CA LYS A 121 -11.41 3.18 10.96
C LYS A 121 -11.36 2.31 12.22
N THR A 122 -10.87 2.85 13.33
CA THR A 122 -10.66 2.04 14.55
C THR A 122 -11.97 1.75 15.30
N GLU A 123 -12.93 2.66 15.22
CA GLU A 123 -14.24 2.36 15.79
C GLU A 123 -15.10 1.50 14.87
N GLU A 124 -14.77 1.52 13.57
CA GLU A 124 -15.32 0.54 12.64
C GLU A 124 -14.93 -0.85 13.16
N ARG A 125 -13.64 -1.06 13.41
CA ARG A 125 -13.11 -2.32 13.94
C ARG A 125 -13.77 -2.70 15.29
N ALA A 126 -13.93 -1.71 16.18
CA ALA A 126 -14.44 -1.91 17.56
C ALA A 126 -15.79 -2.67 17.66
N GLN A 127 -16.32 -3.03 16.50
CA GLN A 127 -17.53 -3.84 16.35
C GLN A 127 -17.22 -5.06 15.45
N LYS A 128 -17.29 -6.29 15.97
CA LYS A 128 -17.47 -6.61 17.40
C LYS A 128 -16.78 -7.94 17.74
N ALA A 129 -15.74 -8.27 16.99
CA ALA A 129 -14.73 -9.20 17.49
C ALA A 129 -14.20 -8.57 18.81
N GLN A 130 -14.07 -9.33 19.91
CA GLN A 130 -13.97 -10.80 19.99
C GLN A 130 -12.67 -11.32 19.36
N HIS A 131 -12.03 -12.14 20.19
CA HIS A 131 -10.83 -12.86 19.87
C HIS A 131 -9.69 -11.92 19.49
N SER A 132 -9.17 -12.03 18.28
CA SER A 132 -7.79 -11.62 18.09
C SER A 132 -7.60 -10.17 17.75
N ALA A 133 -6.44 -9.68 18.15
CA ALA A 133 -5.92 -8.39 17.70
C ALA A 133 -5.80 -7.89 16.19
N LEU A 134 -5.86 -8.56 15.06
CA LEU A 134 -5.23 -9.73 14.46
C LEU A 134 -6.30 -10.30 13.48
N ASP A 135 -7.53 -10.42 13.97
CA ASP A 135 -8.68 -10.67 13.09
C ASP A 135 -8.98 -9.49 12.22
N ASP A 136 -9.59 -9.80 11.06
CA ASP A 136 -10.13 -8.80 10.16
C ASP A 136 -9.01 -8.01 9.50
N ILE A 137 -8.02 -8.75 9.01
CA ILE A 137 -6.95 -8.12 8.24
C ILE A 137 -7.11 -8.60 6.80
N PRO A 138 -7.40 -7.68 5.86
CA PRO A 138 -7.62 -8.19 4.53
C PRO A 138 -6.55 -9.22 4.15
N ARG A 139 -6.98 -10.40 3.75
CA ARG A 139 -6.07 -11.37 3.12
C ARG A 139 -5.41 -10.87 1.77
N SER A 140 -6.01 -9.87 1.10
CA SER A 140 -5.45 -9.30 -0.13
C SER A 140 -4.17 -8.37 0.02
N LEU A 141 -3.81 -7.99 1.23
CA LEU A 141 -2.82 -6.90 1.43
C LEU A 141 -1.41 -7.24 0.93
N PRO A 142 -0.76 -6.34 0.17
CA PRO A 142 0.66 -6.53 -0.14
C PRO A 142 1.43 -6.85 1.14
N ALA A 143 2.52 -7.61 1.06
CA ALA A 143 3.24 -8.08 2.24
C ALA A 143 3.71 -7.03 3.21
N LEU A 144 4.20 -5.91 2.68
CA LEU A 144 4.69 -4.82 3.56
C LEU A 144 3.54 -4.16 4.35
N MET A 145 2.41 -3.90 3.65
CA MET A 145 1.17 -3.39 4.25
C MET A 145 0.67 -4.32 5.30
N ARG A 146 0.65 -5.62 5.00
CA ARG A 146 0.18 -6.59 6.00
C ARG A 146 1.11 -6.63 7.19
N ALA A 147 2.43 -6.63 7.00
CA ALA A 147 3.34 -6.73 8.21
C ALA A 147 3.16 -5.53 9.13
N GLN A 148 3.00 -4.35 8.54
CA GLN A 148 2.94 -3.09 9.28
C GLN A 148 1.63 -3.04 10.03
N LYS A 149 0.57 -3.52 9.35
CA LYS A 149 -0.75 -3.64 10.01
C LYS A 149 -0.72 -4.63 11.19
N ILE A 150 -0.20 -5.84 10.98
CA ILE A 150 0.02 -6.77 12.11
C ILE A 150 0.77 -6.15 13.26
N GLN A 151 1.92 -5.50 12.98
CA GLN A 151 2.71 -4.86 14.00
C GLN A 151 1.95 -3.76 14.79
N LYS A 152 1.18 -2.95 14.09
CA LYS A 152 0.48 -1.86 14.77
C LYS A 152 -0.73 -2.40 15.58
N ARG A 153 -1.48 -3.34 15.00
CA ARG A 153 -2.45 -4.09 15.84
C ARG A 153 -1.86 -4.61 17.15
N CYS A 154 -0.64 -5.19 17.14
CA CYS A 154 -0.01 -5.69 18.34
C CYS A 154 0.49 -4.55 19.25
N ALA A 155 1.02 -3.49 18.64
CA ALA A 155 1.40 -2.29 19.35
C ALA A 155 0.18 -1.77 20.09
N ASN A 156 -0.95 -1.63 19.41
CA ASN A 156 -2.18 -1.12 20.06
C ASN A 156 -2.57 -1.83 21.35
N VAL A 157 -2.06 -3.04 21.60
CA VAL A 157 -2.35 -3.78 22.84
C VAL A 157 -1.13 -3.80 23.71
N GLY A 158 -0.13 -3.02 23.31
CA GLY A 158 1.07 -2.94 24.13
C GLY A 158 2.24 -3.85 23.82
N PHE A 159 2.13 -4.71 22.78
CA PHE A 159 3.28 -5.54 22.37
C PHE A 159 4.06 -4.84 21.22
N ASP A 160 5.22 -4.29 21.59
CA ASP A 160 6.05 -3.43 20.77
C ASP A 160 7.34 -3.13 21.51
N TRP A 161 8.37 -2.78 20.76
CA TRP A 161 9.62 -2.25 21.33
C TRP A 161 9.35 -0.84 21.85
N THR A 162 9.99 -0.44 22.97
CA THR A 162 9.73 0.86 23.60
C THR A 162 10.73 1.90 23.11
N THR A 163 11.97 1.47 22.87
CA THR A 163 13.03 2.31 22.23
C THR A 163 13.48 1.94 20.77
N LEU A 164 14.12 2.90 20.10
CA LEU A 164 14.47 2.73 18.70
C LEU A 164 15.69 1.82 18.44
N GLY A 165 16.68 1.81 19.34
CA GLY A 165 17.92 1.09 19.12
C GLY A 165 17.87 -0.44 18.97
N PRO A 166 17.07 -1.15 19.81
CA PRO A 166 16.88 -2.64 19.73
C PRO A 166 16.12 -3.02 18.44
N VAL A 167 15.36 -2.10 17.90
CA VAL A 167 14.67 -2.25 16.61
C VAL A 167 15.71 -2.31 15.52
N VAL A 168 16.71 -1.38 15.55
CA VAL A 168 17.79 -1.36 14.56
C VAL A 168 18.59 -2.61 14.82
N ASP A 169 18.77 -2.94 16.07
CA ASP A 169 19.62 -4.08 16.32
C ASP A 169 19.01 -5.42 15.82
N LYS A 170 17.69 -5.52 15.91
CA LYS A 170 16.98 -6.67 15.35
C LYS A 170 17.14 -6.74 13.85
N VAL A 171 17.25 -5.61 13.14
CA VAL A 171 17.59 -5.68 11.68
C VAL A 171 18.98 -6.35 11.47
N TYR A 172 19.97 -5.92 12.25
CA TYR A 172 21.32 -6.44 12.16
C TYR A 172 21.34 -7.93 12.50
N GLU A 173 20.57 -8.33 13.48
CA GLU A 173 20.52 -9.73 13.86
C GLU A 173 19.93 -10.58 12.73
N GLU A 174 18.93 -10.06 12.03
CA GLU A 174 18.28 -10.83 10.98
C GLU A 174 19.16 -10.84 9.76
N ILE A 175 19.90 -9.76 9.52
CA ILE A 175 20.89 -9.85 8.41
C ILE A 175 21.96 -10.96 8.65
N ASP A 176 22.45 -11.05 9.86
CA ASP A 176 23.43 -12.11 10.26
C ASP A 176 22.84 -13.52 10.13
N GLU A 177 21.64 -13.69 10.57
CA GLU A 177 20.87 -14.91 10.34
C GLU A 177 20.78 -15.29 8.87
N VAL A 178 20.20 -14.40 8.03
CA VAL A 178 20.20 -14.61 6.54
C VAL A 178 21.58 -15.03 6.02
N MET A 179 22.63 -14.31 6.43
CA MET A 179 23.97 -14.51 5.86
C MET A 179 24.61 -15.82 6.39
N TYR A 180 24.36 -16.14 7.63
CA TYR A 180 24.70 -17.46 8.14
C TYR A 180 24.12 -18.61 7.26
N GLU A 181 22.80 -18.63 7.03
CA GLU A 181 22.17 -19.64 6.17
C GLU A 181 22.80 -19.71 4.79
N ALA A 182 23.14 -18.56 4.26
CA ALA A 182 23.63 -18.38 2.87
C ALA A 182 25.03 -18.87 2.73
N ARG A 183 25.75 -18.83 3.83
CA ARG A 183 27.11 -19.34 3.90
C ARG A 183 27.25 -20.85 4.07
N GLN A 184 26.15 -21.55 4.36
CA GLN A 184 26.26 -22.94 4.77
C GLN A 184 26.75 -23.77 3.61
N ALA A 185 27.51 -24.84 3.93
CA ALA A 185 27.99 -25.82 2.88
C ALA A 185 26.84 -26.34 2.04
N VAL A 186 25.78 -26.77 2.70
CA VAL A 186 24.57 -27.10 2.00
C VAL A 186 23.59 -26.05 2.45
N VAL A 187 23.15 -25.22 1.51
CA VAL A 187 22.17 -24.21 1.86
C VAL A 187 20.77 -24.84 1.98
N ASP A 188 20.18 -24.67 3.15
CA ASP A 188 18.82 -24.96 3.38
C ASP A 188 17.95 -23.79 2.90
N GLN A 189 17.28 -24.00 1.76
CA GLN A 189 16.56 -22.98 0.99
C GLN A 189 15.32 -22.48 1.68
N ALA A 190 14.63 -23.39 2.33
CA ALA A 190 13.48 -23.09 3.11
C ALA A 190 13.83 -22.19 4.35
N LYS A 191 14.93 -22.57 5.00
CA LYS A 191 15.39 -21.85 6.17
C LYS A 191 15.95 -20.45 5.77
N LEU A 192 16.62 -20.39 4.63
CA LEU A 192 17.09 -19.13 4.06
C LEU A 192 15.92 -18.19 3.67
N GLU A 193 14.92 -18.74 2.98
CA GLU A 193 13.66 -18.00 2.82
C GLU A 193 13.00 -17.55 4.14
N GLU A 194 12.92 -18.43 5.14
CA GLU A 194 12.42 -18.01 6.45
C GLU A 194 13.21 -16.83 7.10
N GLU A 195 14.52 -16.94 7.17
CA GLU A 195 15.33 -15.81 7.64
C GLU A 195 15.17 -14.52 6.82
N MET A 196 15.18 -14.64 5.50
CA MET A 196 14.92 -13.51 4.65
C MET A 196 13.60 -12.83 4.97
N GLY A 197 12.57 -13.65 5.20
CA GLY A 197 11.28 -13.15 5.57
C GLY A 197 11.32 -12.41 6.89
N ASP A 198 12.02 -12.96 7.89
CA ASP A 198 12.12 -12.29 9.20
C ASP A 198 12.97 -10.98 9.04
N LEU A 199 13.98 -10.99 8.20
CA LEU A 199 14.74 -9.74 7.97
C LEU A 199 13.75 -8.69 7.40
N LEU A 200 13.01 -9.05 6.38
CA LEU A 200 12.03 -8.07 5.85
C LEU A 200 11.02 -7.57 6.88
N PHE A 201 10.50 -8.46 7.71
CA PHE A 201 9.60 -8.08 8.78
C PHE A 201 10.23 -7.05 9.77
N ALA A 202 11.45 -7.34 10.19
CA ALA A 202 12.29 -6.45 11.00
C ALA A 202 12.47 -5.12 10.33
N THR A 203 12.72 -5.05 9.02
CA THR A 203 12.91 -3.78 8.39
C THR A 203 11.61 -3.00 8.36
N VAL A 204 10.44 -3.66 8.26
CA VAL A 204 9.13 -2.97 8.38
C VAL A 204 8.96 -2.38 9.77
N ASN A 205 9.30 -3.14 10.82
CA ASN A 205 9.26 -2.67 12.22
C ASN A 205 10.07 -1.35 12.38
N LEU A 206 11.21 -1.32 11.72
CA LEU A 206 12.07 -0.09 11.73
C LEU A 206 11.36 1.00 10.97
N ALA A 207 10.92 0.74 9.74
CA ALA A 207 10.15 1.76 9.01
C ALA A 207 9.03 2.35 9.84
N ARG A 208 8.28 1.48 10.49
CA ARG A 208 7.19 1.89 11.36
C ARG A 208 7.63 2.70 12.55
N HIS A 209 8.67 2.26 13.23
CA HIS A 209 9.21 3.00 14.35
C HIS A 209 9.77 4.34 13.90
N LEU A 210 10.25 4.44 12.65
CA LEU A 210 10.63 5.71 12.05
C LEU A 210 9.47 6.63 11.52
N GLY A 211 8.18 6.30 11.69
CA GLY A 211 7.12 7.23 11.22
C GLY A 211 6.83 7.07 9.74
N THR A 212 7.23 5.92 9.15
CA THR A 212 7.05 5.82 7.68
C THR A 212 6.11 4.64 7.39
N LYS A 213 5.57 4.59 6.13
CA LYS A 213 4.82 3.44 5.68
C LYS A 213 5.66 2.70 4.70
N ALA A 214 6.04 1.49 5.09
CA ALA A 214 6.98 0.67 4.33
C ALA A 214 6.55 0.42 2.89
N GLU A 215 5.26 0.14 2.63
CA GLU A 215 4.87 -0.18 1.27
C GLU A 215 4.97 1.07 0.39
N ILE A 216 4.43 2.18 0.89
CA ILE A 216 4.62 3.48 0.19
C ILE A 216 6.09 3.87 0.00
N ALA A 217 6.92 3.67 1.01
CA ALA A 217 8.34 4.03 0.90
C ALA A 217 8.96 3.25 -0.25
N LEU A 218 8.70 1.95 -0.30
CA LEU A 218 9.30 1.20 -1.40
C LEU A 218 8.65 1.59 -2.69
N GLN A 219 7.34 1.86 -2.73
CA GLN A 219 6.76 2.33 -4.05
C GLN A 219 7.54 3.55 -4.59
N LYS A 220 7.85 4.50 -3.72
CA LYS A 220 8.64 5.70 -4.17
C LYS A 220 10.07 5.37 -4.59
N ALA A 221 10.74 4.45 -3.92
CA ALA A 221 12.07 3.97 -4.31
C ALA A 221 12.04 3.27 -5.69
N ASN A 222 10.97 2.51 -5.92
CA ASN A 222 10.73 1.84 -7.21
C ASN A 222 10.61 2.86 -8.32
N GLU A 223 9.80 3.92 -8.12
CA GLU A 223 9.71 4.97 -9.17
C GLU A 223 10.99 5.75 -9.36
N LYS A 224 11.66 6.01 -8.27
CA LYS A 224 13.00 6.63 -8.38
C LYS A 224 13.97 5.85 -9.27
N PHE A 225 14.13 4.58 -8.93
CA PHE A 225 15.01 3.69 -9.68
C PHE A 225 14.58 3.54 -11.18
N GLU A 226 13.30 3.33 -11.38
CA GLU A 226 12.75 3.21 -12.71
C GLU A 226 13.00 4.46 -13.55
N ARG A 227 12.75 5.62 -12.97
CA ARG A 227 13.04 6.95 -13.61
C ARG A 227 14.54 7.11 -14.00
N ARG A 228 15.43 6.81 -13.06
CA ARG A 228 16.86 6.79 -13.42
C ARG A 228 17.18 5.76 -14.50
N PHE A 229 16.62 4.57 -14.40
CA PHE A 229 17.07 3.52 -15.35
C PHE A 229 16.65 3.89 -16.74
N ARG A 230 15.42 4.36 -16.85
CA ARG A 230 14.81 4.86 -18.07
C ARG A 230 15.68 5.96 -18.72
N GLU A 231 16.19 6.88 -17.90
CA GLU A 231 17.12 7.89 -18.38
C GLU A 231 18.46 7.27 -18.93
N VAL A 232 19.13 6.43 -18.17
CA VAL A 232 20.27 5.74 -18.69
C VAL A 232 19.96 5.02 -20.07
N GLU A 233 18.77 4.39 -20.13
CA GLU A 233 18.32 3.74 -21.36
C GLU A 233 18.23 4.74 -22.53
N ARG A 234 17.57 5.86 -22.28
CA ARG A 234 17.43 7.00 -23.21
C ARG A 234 18.80 7.49 -23.64
N ILE A 235 19.73 7.63 -22.69
CA ILE A 235 21.08 8.07 -23.00
C ILE A 235 21.82 7.03 -23.83
N VAL A 236 21.95 5.80 -23.34
CA VAL A 236 22.64 4.76 -24.12
C VAL A 236 22.03 4.64 -25.52
N ALA A 237 20.70 4.78 -25.61
CA ALA A 237 19.96 4.62 -26.87
C ALA A 237 20.22 5.78 -27.85
N ALA A 238 20.23 7.00 -27.32
CA ALA A 238 20.54 8.14 -28.15
C ALA A 238 21.96 8.06 -28.69
N ARG A 239 22.81 7.23 -28.08
CA ARG A 239 24.23 7.32 -28.37
C ARG A 239 24.64 7.52 -29.82
N GLY A 240 24.28 6.60 -30.75
CA GLY A 240 23.40 5.48 -30.48
C GLY A 240 23.87 4.21 -31.13
N LEU A 241 23.27 3.85 -32.23
CA LEU A 241 23.58 2.68 -33.04
C LEU A 241 23.93 1.48 -32.16
N GLU A 242 25.19 1.46 -31.75
CA GLU A 242 25.86 0.31 -31.15
C GLU A 242 25.18 -1.09 -31.06
N MET A 243 25.43 -1.85 -32.13
CA MET A 243 25.67 -3.29 -32.05
C MET A 243 27.08 -3.44 -31.48
N THR A 244 27.82 -2.33 -31.56
CA THR A 244 29.16 -2.20 -30.99
C THR A 244 29.12 -1.86 -29.52
N GLU A 249 30.39 0.35 -17.59
CA GLU A 249 30.58 -0.45 -18.81
C GLU A 249 31.13 0.32 -20.05
N THR A 250 30.53 1.45 -20.53
CA THR A 250 29.09 1.93 -20.43
C THR A 250 28.32 2.27 -19.07
N MET A 251 27.62 1.27 -18.51
CA MET A 251 26.37 1.49 -17.74
C MET A 251 26.42 2.15 -16.33
N GLU A 252 27.40 1.74 -15.52
CA GLU A 252 27.52 2.21 -14.14
C GLU A 252 27.93 3.68 -14.07
N GLU A 253 28.64 4.14 -15.10
CA GLU A 253 29.06 5.54 -15.22
C GLU A 253 27.89 6.48 -15.67
N VAL A 254 27.09 6.03 -16.62
CA VAL A 254 25.87 6.79 -16.99
C VAL A 254 24.88 6.82 -15.81
N TRP A 255 24.69 5.69 -15.13
CA TRP A 255 23.88 5.66 -13.90
C TRP A 255 24.41 6.74 -12.95
N GLN A 256 25.71 6.76 -12.72
CA GLN A 256 26.35 7.85 -11.96
C GLN A 256 26.02 9.30 -12.40
N GLN A 257 26.18 9.60 -13.70
CA GLN A 257 25.85 10.93 -14.27
C GLN A 257 24.39 11.31 -14.03
N VAL A 258 23.47 10.42 -14.42
CA VAL A 258 22.01 10.62 -14.25
C VAL A 258 21.67 10.89 -12.78
N LYS A 259 22.36 10.17 -11.88
CA LYS A 259 22.29 10.34 -10.43
C LYS A 259 22.76 11.78 -10.05
N ARG A 260 23.88 12.22 -10.67
CA ARG A 260 24.38 13.61 -10.52
C ARG A 260 23.35 14.65 -11.01
N GLN A 261 22.99 14.59 -12.30
CA GLN A 261 22.06 15.55 -12.90
C GLN A 261 20.71 15.69 -12.15
N GLU A 262 20.51 14.85 -11.13
CA GLU A 262 19.31 14.90 -10.29
C GLU A 262 19.41 15.83 -9.07
N ASN B 4 -31.19 12.85 -1.55
CA ASN B 4 -30.07 13.66 -2.12
C ASN B 4 -28.94 13.98 -1.11
N GLN B 5 -28.37 12.92 -0.52
CA GLN B 5 -27.31 13.07 0.50
C GLN B 5 -25.95 13.38 -0.12
N ILE B 6 -25.92 13.34 -1.44
CA ILE B 6 -24.75 13.62 -2.23
C ILE B 6 -24.38 15.10 -2.05
N ASP B 7 -25.37 15.97 -2.20
CA ASP B 7 -25.26 17.39 -1.87
C ASP B 7 -24.88 17.64 -0.43
N ARG B 8 -25.24 16.72 0.45
CA ARG B 8 -25.03 16.96 1.86
C ARG B 8 -23.61 16.62 2.23
N LEU B 9 -23.05 15.59 1.57
CA LEU B 9 -21.72 15.12 1.90
C LEU B 9 -20.78 16.21 1.41
N LEU B 10 -21.03 16.66 0.18
CA LEU B 10 -20.27 17.73 -0.43
C LEU B 10 -20.17 18.88 0.53
N THR B 11 -21.30 19.46 0.95
CA THR B 11 -21.21 20.64 1.85
C THR B 11 -20.54 20.27 3.20
N ILE B 12 -20.73 19.06 3.68
CA ILE B 12 -19.93 18.57 4.81
C ILE B 12 -18.40 18.62 4.55
N MET B 13 -17.97 18.46 3.30
CA MET B 13 -16.55 18.52 2.92
C MET B 13 -16.07 19.94 3.00
N GLN B 14 -16.78 20.85 2.31
CA GLN B 14 -16.63 22.29 2.55
C GLN B 14 -17.04 22.55 3.97
N ARG B 15 -16.10 22.60 4.90
CA ARG B 15 -16.49 22.84 6.27
C ARG B 15 -15.79 21.90 7.23
N LEU B 16 -15.63 20.66 6.92
CA LEU B 16 -14.62 19.96 7.67
C LEU B 16 -13.19 20.25 7.30
N TRP B 25 -6.72 18.08 12.29
CA TRP B 25 -6.54 17.04 11.27
C TRP B 25 -7.01 17.38 9.83
N ASP B 26 -8.02 18.22 9.62
CA ASP B 26 -8.33 19.41 10.44
C ASP B 26 -7.06 20.26 10.67
N LYS B 27 -6.02 19.79 9.98
CA LYS B 27 -4.98 20.56 9.32
C LYS B 27 -5.57 20.73 7.92
N GLU B 28 -4.77 20.36 6.95
CA GLU B 28 -5.29 19.62 5.85
C GLU B 28 -4.12 18.80 5.37
N GLN B 29 -4.44 17.92 4.44
CA GLN B 29 -3.45 17.17 3.73
C GLN B 29 -4.29 16.65 2.60
N THR B 30 -3.81 16.65 1.37
CA THR B 30 -3.01 17.66 0.68
C THR B 30 -3.02 17.01 -0.70
N PHE B 31 -3.31 15.71 -0.72
CA PHE B 31 -3.00 14.75 -1.77
C PHE B 31 -1.87 13.91 -1.16
N ALA B 32 -2.27 13.13 -0.14
CA ALA B 32 -1.42 12.73 1.02
C ALA B 32 -1.59 13.80 2.11
N THR B 33 -1.39 13.44 3.37
CA THR B 33 -1.38 12.04 3.70
C THR B 33 -2.72 11.36 3.39
N ILE B 34 -3.49 11.86 2.40
CA ILE B 34 -4.72 11.13 1.93
C ILE B 34 -4.40 9.90 1.07
N ALA B 35 -3.53 10.07 0.09
CA ALA B 35 -3.20 9.03 -0.88
C ALA B 35 -2.93 7.62 -0.28
N PRO B 36 -2.08 7.48 0.77
CA PRO B 36 -1.96 6.20 1.49
C PRO B 36 -3.25 5.64 2.04
N TYR B 37 -4.21 6.55 2.27
CA TYR B 37 -5.50 6.15 2.81
C TYR B 37 -6.34 5.59 1.69
N THR B 38 -6.25 6.18 0.49
CA THR B 38 -6.90 5.63 -0.69
C THR B 38 -6.49 4.15 -0.94
N LEU B 39 -5.19 3.85 -0.81
CA LEU B 39 -4.65 2.47 -0.96
C LEU B 39 -5.15 1.50 0.11
N GLU B 40 -5.03 1.93 1.37
CA GLU B 40 -5.54 1.12 2.49
C GLU B 40 -7.05 0.83 2.32
N GLU B 41 -7.84 1.83 1.97
CA GLU B 41 -9.31 1.66 1.90
C GLU B 41 -9.70 0.78 0.70
N THR B 42 -8.95 0.89 -0.38
CA THR B 42 -9.20 0.04 -1.52
C THR B 42 -9.09 -1.44 -1.19
N TYR B 43 -8.13 -1.82 -0.39
CA TYR B 43 -8.03 -3.21 0.04
C TYR B 43 -9.20 -3.60 0.94
N GLU B 44 -9.67 -2.67 1.76
CA GLU B 44 -10.86 -2.89 2.61
C GLU B 44 -12.06 -3.17 1.71
N VAL B 45 -12.26 -2.34 0.70
CA VAL B 45 -13.36 -2.55 -0.24
C VAL B 45 -13.25 -3.93 -0.87
N LEU B 46 -12.06 -4.30 -1.35
CA LEU B 46 -11.95 -5.62 -2.04
C LEU B 46 -12.14 -6.74 -1.07
N ASP B 47 -11.69 -6.55 0.18
CA ASP B 47 -11.93 -7.62 1.15
C ASP B 47 -13.46 -7.86 1.45
N ALA B 48 -14.19 -6.74 1.57
CA ALA B 48 -15.60 -6.77 1.84
C ALA B 48 -16.32 -7.47 0.71
N ILE B 49 -15.91 -7.20 -0.54
CA ILE B 49 -16.39 -7.94 -1.72
C ILE B 49 -16.03 -9.42 -1.67
N ALA B 50 -14.76 -9.74 -1.28
CA ALA B 50 -14.30 -11.17 -1.15
C ALA B 50 -15.10 -11.95 -0.12
N ARG B 51 -15.28 -11.39 1.07
CA ARG B 51 -16.10 -11.99 2.09
C ARG B 51 -17.62 -11.76 1.90
N GLU B 52 -18.05 -11.27 0.72
CA GLU B 52 -19.47 -11.08 0.42
C GLU B 52 -20.26 -10.48 1.59
N ASP B 53 -19.73 -9.47 2.28
CA ASP B 53 -20.40 -8.88 3.40
C ASP B 53 -20.91 -7.52 2.98
N PHE B 54 -22.21 -7.40 2.73
CA PHE B 54 -22.72 -6.16 2.11
C PHE B 54 -22.95 -4.99 3.03
N ASP B 55 -23.03 -5.27 4.33
CA ASP B 55 -23.07 -4.19 5.32
C ASP B 55 -21.71 -3.47 5.44
N ASP B 56 -20.63 -4.26 5.58
CA ASP B 56 -19.24 -3.75 5.42
C ASP B 56 -19.04 -3.00 4.14
N LEU B 57 -19.49 -3.59 3.04
CA LEU B 57 -19.29 -2.99 1.77
C LEU B 57 -19.90 -1.62 1.70
N ARG B 58 -21.13 -1.44 2.23
CA ARG B 58 -21.78 -0.12 2.17
C ARG B 58 -20.95 0.95 2.87
N GLY B 59 -20.43 0.58 4.03
CA GLY B 59 -19.61 1.46 4.84
C GLY B 59 -18.29 1.76 4.13
N GLU B 60 -17.69 0.75 3.51
CA GLU B 60 -16.39 0.96 2.84
C GLU B 60 -16.53 1.86 1.63
N LEU B 61 -17.62 1.72 0.91
CA LEU B 61 -17.82 2.53 -0.21
C LEU B 61 -18.01 3.98 0.20
N GLY B 62 -18.52 4.18 1.42
CA GLY B 62 -18.68 5.52 2.00
C GLY B 62 -17.30 6.11 2.27
N ASP B 63 -16.48 5.37 3.01
CA ASP B 63 -15.04 5.70 3.15
C ASP B 63 -14.28 6.02 1.86
N LEU B 64 -14.37 5.15 0.85
CA LEU B 64 -13.82 5.46 -0.48
C LEU B 64 -14.37 6.75 -1.09
N LEU B 65 -15.72 6.84 -1.17
CA LEU B 65 -16.42 8.01 -1.74
C LEU B 65 -15.96 9.32 -1.12
N PHE B 66 -15.75 9.29 0.19
CA PHE B 66 -15.34 10.43 0.95
C PHE B 66 -13.96 11.02 0.50
N GLN B 67 -13.04 10.12 0.14
CA GLN B 67 -11.78 10.54 -0.43
C GLN B 67 -11.95 11.16 -1.83
N VAL B 68 -12.82 10.60 -2.67
CA VAL B 68 -13.10 11.20 -4.00
C VAL B 68 -13.58 12.60 -3.80
N VAL B 69 -14.47 12.80 -2.84
CA VAL B 69 -14.97 14.14 -2.49
C VAL B 69 -13.84 15.12 -1.98
N PHE B 70 -12.86 14.55 -1.26
CA PHE B 70 -11.76 15.28 -0.60
C PHE B 70 -10.79 15.77 -1.68
N TYR B 71 -10.38 14.80 -2.51
CA TYR B 71 -9.66 15.10 -3.73
C TYR B 71 -10.37 16.22 -4.52
N ALA B 72 -11.67 16.05 -4.81
CA ALA B 72 -12.45 17.13 -5.46
C ALA B 72 -12.37 18.46 -4.68
N GLN B 73 -12.43 18.45 -3.34
CA GLN B 73 -12.39 19.70 -2.55
C GLN B 73 -11.05 20.43 -2.69
N MET B 74 -9.98 19.66 -2.72
CA MET B 74 -8.65 20.26 -2.80
C MET B 74 -8.43 20.85 -4.17
N ALA B 75 -8.66 20.02 -5.18
CA ALA B 75 -8.76 20.46 -6.56
C ALA B 75 -9.60 21.78 -6.78
N GLN B 76 -10.81 21.86 -6.21
CA GLN B 76 -11.67 23.02 -6.23
C GLN B 76 -10.99 24.24 -5.61
N GLU B 77 -10.44 24.13 -4.39
CA GLU B 77 -9.63 25.22 -3.79
C GLU B 77 -8.46 25.76 -4.63
N GLU B 78 -7.96 24.93 -5.55
CA GLU B 78 -6.84 25.27 -6.41
C GLU B 78 -7.29 25.75 -7.80
N GLY B 79 -8.61 25.85 -8.01
CA GLY B 79 -9.16 26.33 -9.29
C GLY B 79 -9.09 25.32 -10.42
N ARG B 80 -9.20 24.03 -10.08
CA ARG B 80 -9.06 22.94 -11.05
C ARG B 80 -10.37 22.19 -11.40
N PHE B 81 -11.50 22.91 -11.36
CA PHE B 81 -12.82 22.55 -12.00
C PHE B 81 -13.78 21.44 -11.45
N ASP B 82 -13.29 20.64 -10.48
CA ASP B 82 -14.09 20.12 -9.32
C ASP B 82 -15.10 18.90 -9.33
N PHE B 83 -15.82 18.64 -8.22
CA PHE B 83 -16.61 17.37 -8.09
C PHE B 83 -17.60 17.12 -9.21
N ASN B 84 -18.37 18.12 -9.58
CA ASN B 84 -19.19 17.93 -10.76
C ASN B 84 -18.44 17.79 -12.13
N ASP B 85 -17.30 18.47 -12.34
CA ASP B 85 -16.49 18.22 -13.57
C ASP B 85 -16.04 16.79 -13.63
N ILE B 86 -15.63 16.26 -12.47
CA ILE B 86 -15.37 14.80 -12.33
C ILE B 86 -16.52 13.98 -12.95
N CYS B 87 -17.75 14.26 -12.46
CA CYS B 87 -18.95 13.60 -12.97
C CYS B 87 -19.18 13.88 -14.46
N ALA B 88 -18.94 15.12 -14.88
CA ALA B 88 -19.09 15.53 -16.28
C ALA B 88 -18.14 14.72 -17.14
N ALA B 89 -16.86 14.71 -16.72
CA ALA B 89 -15.77 13.96 -17.35
C ALA B 89 -16.13 12.53 -17.69
N ILE B 90 -16.50 11.79 -16.65
CA ILE B 90 -16.81 10.38 -16.82
C ILE B 90 -18.12 10.16 -17.61
N SER B 91 -19.12 11.04 -17.41
CA SER B 91 -20.38 10.94 -18.12
C SER B 91 -20.20 11.10 -19.65
N ASP B 92 -19.68 12.26 -20.05
CA ASP B 92 -19.27 12.54 -21.47
C ASP B 92 -18.53 11.35 -22.10
N LYS B 93 -17.49 10.86 -21.39
CA LYS B 93 -16.71 9.69 -21.78
C LYS B 93 -17.54 8.36 -21.86
N LEU B 94 -18.57 8.26 -21.02
CA LEU B 94 -19.40 7.04 -20.98
C LEU B 94 -20.47 7.06 -22.08
N GLU B 95 -20.88 8.27 -22.45
CA GLU B 95 -21.75 8.54 -23.62
C GLU B 95 -21.04 8.28 -24.96
N ARG B 96 -19.70 8.39 -24.93
CA ARG B 96 -18.83 8.06 -26.06
C ARG B 96 -18.58 6.54 -26.10
N GLN B 127 1.91 8.34 -30.24
CA GLN B 127 3.32 8.65 -30.28
C GLN B 127 4.11 7.83 -29.28
N LYS B 128 5.20 7.16 -29.80
CA LYS B 128 5.98 6.17 -29.06
C LYS B 128 6.61 6.85 -27.84
N ALA B 129 6.61 6.14 -26.71
CA ALA B 129 7.54 6.48 -25.62
C ALA B 129 8.92 5.86 -25.96
N GLN B 130 9.97 6.32 -25.32
CA GLN B 130 11.22 5.58 -25.39
C GLN B 130 10.98 4.07 -24.99
N HIS B 131 11.54 3.14 -25.75
CA HIS B 131 11.45 1.76 -25.44
C HIS B 131 12.21 1.44 -24.13
N SER B 132 11.74 0.42 -23.40
CA SER B 132 12.31 0.08 -22.09
C SER B 132 12.26 -1.36 -21.68
N ALA B 133 13.30 -1.78 -20.94
CA ALA B 133 13.32 -3.10 -20.38
C ALA B 133 12.32 -3.18 -19.22
N LEU B 134 11.76 -2.03 -18.84
CA LEU B 134 10.95 -1.92 -17.59
C LEU B 134 9.43 -1.98 -17.92
N ASP B 135 9.11 -2.10 -19.20
CA ASP B 135 7.72 -2.06 -19.60
C ASP B 135 6.94 -3.23 -19.11
N ASP B 136 5.63 -3.06 -18.96
CA ASP B 136 4.75 -4.13 -18.48
C ASP B 136 5.09 -4.66 -17.11
N ILE B 137 5.22 -3.76 -16.14
CA ILE B 137 5.36 -4.17 -14.72
C ILE B 137 4.22 -3.33 -14.06
N PRO B 138 3.00 -3.93 -13.82
CA PRO B 138 1.88 -3.09 -13.42
C PRO B 138 2.15 -2.34 -12.15
N ARG B 139 1.72 -1.08 -12.13
CA ARG B 139 1.88 -0.21 -10.98
C ARG B 139 1.35 -0.84 -9.71
N SER B 140 0.34 -1.66 -9.91
CA SER B 140 -0.39 -2.21 -8.81
C SER B 140 0.12 -3.50 -8.23
N LEU B 141 1.25 -4.02 -8.67
CA LEU B 141 1.84 -5.19 -7.99
C LEU B 141 2.25 -4.79 -6.60
N PRO B 142 2.22 -5.73 -5.62
CA PRO B 142 2.84 -5.41 -4.34
C PRO B 142 4.29 -4.81 -4.57
N ALA B 143 4.70 -3.88 -3.73
CA ALA B 143 5.95 -3.09 -3.86
C ALA B 143 7.17 -3.99 -3.87
N LEU B 144 7.20 -4.99 -2.99
CA LEU B 144 8.31 -5.90 -2.97
C LEU B 144 8.41 -6.69 -4.23
N MET B 145 7.28 -7.25 -4.70
CA MET B 145 7.24 -7.99 -5.96
C MET B 145 7.64 -7.08 -7.11
N ARG B 146 7.17 -5.87 -7.09
CA ARG B 146 7.54 -4.97 -8.11
C ARG B 146 9.03 -4.59 -8.09
N ALA B 147 9.61 -4.37 -6.89
CA ALA B 147 11.10 -4.08 -6.85
C ALA B 147 11.83 -5.27 -7.46
N GLN B 148 11.44 -6.50 -7.08
CA GLN B 148 12.20 -7.66 -7.54
C GLN B 148 12.07 -7.82 -9.08
N LYS B 149 10.88 -7.51 -9.64
CA LYS B 149 10.67 -7.56 -11.10
C LYS B 149 11.53 -6.58 -11.87
N ILE B 150 11.55 -5.33 -11.42
CA ILE B 150 12.45 -4.26 -11.95
C ILE B 150 13.90 -4.68 -11.98
N GLN B 151 14.38 -5.26 -10.88
CA GLN B 151 15.80 -5.61 -10.75
C GLN B 151 16.10 -6.73 -11.75
N LYS B 152 15.20 -7.70 -11.91
CA LYS B 152 15.45 -8.72 -12.93
C LYS B 152 15.49 -8.25 -14.38
N ARG B 153 14.69 -7.22 -14.74
CA ARG B 153 14.72 -6.67 -16.05
C ARG B 153 16.10 -6.09 -16.24
N CYS B 154 16.59 -5.32 -15.25
CA CYS B 154 17.98 -4.76 -15.33
C CYS B 154 19.05 -5.86 -15.45
N ALA B 155 18.95 -6.90 -14.66
CA ALA B 155 19.83 -8.03 -14.82
C ALA B 155 19.82 -8.64 -16.22
N ASN B 156 18.63 -8.86 -16.79
CA ASN B 156 18.48 -9.38 -18.19
C ASN B 156 19.38 -8.67 -19.17
N VAL B 157 19.51 -7.38 -19.01
CA VAL B 157 20.14 -6.43 -19.89
C VAL B 157 21.59 -6.06 -19.41
N GLY B 158 22.12 -6.78 -18.41
CA GLY B 158 23.56 -6.59 -18.01
C GLY B 158 23.84 -5.68 -16.84
N PHE B 159 22.76 -5.12 -16.27
CA PHE B 159 22.88 -4.15 -15.21
C PHE B 159 22.56 -4.75 -13.84
N ASP B 160 23.59 -5.30 -13.21
CA ASP B 160 23.43 -6.02 -11.96
C ASP B 160 24.83 -6.19 -11.41
N TRP B 161 24.97 -6.23 -10.08
CA TRP B 161 26.17 -6.76 -9.46
C TRP B 161 26.51 -8.18 -9.82
N THR B 162 27.79 -8.44 -10.07
CA THR B 162 28.27 -9.79 -10.43
C THR B 162 28.57 -10.74 -9.25
N THR B 163 28.73 -10.15 -8.04
CA THR B 163 29.04 -10.90 -6.81
C THR B 163 28.09 -10.48 -5.65
N LEU B 164 27.96 -11.31 -4.64
CA LEU B 164 27.08 -11.02 -3.52
C LEU B 164 27.58 -9.91 -2.56
N GLY B 165 28.90 -9.70 -2.51
CA GLY B 165 29.50 -8.72 -1.61
C GLY B 165 28.90 -7.35 -1.70
N PRO B 166 28.94 -6.68 -2.87
CA PRO B 166 28.35 -5.36 -2.83
C PRO B 166 26.82 -5.30 -2.58
N VAL B 167 26.12 -6.41 -2.75
CA VAL B 167 24.66 -6.42 -2.47
C VAL B 167 24.47 -6.29 -0.97
N VAL B 168 25.15 -7.15 -0.26
CA VAL B 168 25.20 -7.07 1.20
C VAL B 168 25.60 -5.66 1.65
N ASP B 169 26.72 -5.12 1.10
CA ASP B 169 27.20 -3.75 1.45
C ASP B 169 26.15 -2.72 1.29
N LYS B 170 25.40 -2.79 0.20
CA LYS B 170 24.37 -1.74 -0.07
C LYS B 170 23.30 -1.74 1.05
N VAL B 171 22.90 -2.91 1.56
CA VAL B 171 21.93 -2.96 2.71
C VAL B 171 22.50 -2.20 3.97
N TYR B 172 23.67 -2.63 4.42
CA TYR B 172 24.31 -2.02 5.59
C TYR B 172 24.49 -0.51 5.33
N GLU B 173 24.87 -0.12 4.10
CA GLU B 173 25.02 1.33 3.84
C GLU B 173 23.70 2.11 3.89
N GLU B 174 22.61 1.48 3.44
CA GLU B 174 21.34 2.16 3.50
C GLU B 174 20.91 2.28 4.95
N ILE B 175 21.26 1.30 5.76
CA ILE B 175 20.76 1.42 7.15
C ILE B 175 21.49 2.65 7.76
N ASP B 176 22.77 2.85 7.42
CA ASP B 176 23.50 4.06 7.89
C ASP B 176 22.82 5.31 7.43
N GLU B 177 22.37 5.36 6.19
CA GLU B 177 21.78 6.60 5.65
C GLU B 177 20.44 6.84 6.26
N VAL B 178 19.63 5.77 6.44
CA VAL B 178 18.35 5.94 7.16
C VAL B 178 18.53 6.47 8.61
N MET B 179 19.38 5.81 9.37
CA MET B 179 19.56 6.14 10.78
C MET B 179 20.18 7.52 10.95
N TYR B 180 21.06 7.89 10.01
CA TYR B 180 21.63 9.29 9.89
C TYR B 180 20.52 10.33 9.78
N GLU B 181 19.54 10.12 8.90
CA GLU B 181 18.42 11.06 8.81
C GLU B 181 17.57 11.06 10.08
N ALA B 182 17.52 9.91 10.77
CA ALA B 182 16.59 9.69 11.89
C ALA B 182 17.04 10.47 13.12
N ARG B 183 18.34 10.64 13.26
CA ARG B 183 18.93 11.18 14.51
C ARG B 183 19.37 12.66 14.37
N GLN B 184 19.12 13.24 13.20
CA GLN B 184 19.34 14.64 12.91
C GLN B 184 18.45 15.49 13.80
N ALA B 185 18.98 16.66 14.27
CA ALA B 185 18.24 17.59 15.17
C ALA B 185 16.87 17.93 14.59
N VAL B 186 16.81 18.35 13.34
CA VAL B 186 15.50 18.31 12.69
C VAL B 186 15.46 17.33 11.51
N VAL B 187 14.55 16.38 11.63
CA VAL B 187 14.43 15.26 10.71
C VAL B 187 13.73 15.76 9.44
N ASP B 188 14.43 15.65 8.31
CA ASP B 188 13.83 15.78 6.99
C ASP B 188 12.97 14.48 6.74
N GLN B 189 11.66 14.61 6.79
CA GLN B 189 10.78 13.46 6.71
C GLN B 189 10.79 12.88 5.32
N ALA B 190 10.86 13.74 4.32
CA ALA B 190 10.93 13.29 2.93
C ALA B 190 12.21 12.46 2.64
N LYS B 191 13.35 12.88 3.17
CA LYS B 191 14.60 12.19 2.98
C LYS B 191 14.71 10.90 3.77
N LEU B 192 14.16 10.90 4.97
CA LEU B 192 14.06 9.67 5.76
C LEU B 192 13.26 8.58 5.00
N GLU B 193 12.08 8.92 4.53
CA GLU B 193 11.27 8.01 3.75
C GLU B 193 11.96 7.55 2.45
N GLU B 194 12.70 8.45 1.81
CA GLU B 194 13.46 8.16 0.60
C GLU B 194 14.48 7.13 0.92
N GLU B 195 15.27 7.35 1.98
CA GLU B 195 16.27 6.38 2.33
C GLU B 195 15.65 5.03 2.87
N MET B 196 14.58 5.10 3.68
CA MET B 196 13.86 3.91 4.09
C MET B 196 13.40 3.08 2.83
N GLY B 197 12.95 3.75 1.79
CA GLY B 197 12.53 3.09 0.56
C GLY B 197 13.69 2.40 -0.06
N ASP B 198 14.89 3.01 0.00
CA ASP B 198 15.98 2.58 -0.79
C ASP B 198 16.52 1.39 -0.03
N LEU B 199 16.43 1.40 1.29
CA LEU B 199 16.89 0.27 2.11
C LEU B 199 16.01 -0.97 1.78
N LEU B 200 14.73 -0.73 1.77
CA LEU B 200 13.78 -1.81 1.29
C LEU B 200 14.08 -2.35 -0.11
N PHE B 201 14.41 -1.50 -1.04
CA PHE B 201 14.76 -1.91 -2.40
C PHE B 201 16.13 -2.73 -2.35
N ALA B 202 17.09 -2.25 -1.54
CA ALA B 202 18.35 -3.00 -1.31
C ALA B 202 18.18 -4.35 -0.72
N THR B 203 17.24 -4.50 0.20
CA THR B 203 16.96 -5.77 0.86
C THR B 203 16.25 -6.76 -0.08
N VAL B 204 15.38 -6.26 -0.95
CA VAL B 204 14.87 -7.08 -2.12
C VAL B 204 15.99 -7.57 -3.01
N ASN B 205 16.94 -6.70 -3.35
CA ASN B 205 18.09 -7.14 -4.12
C ASN B 205 18.87 -8.26 -3.42
N LEU B 206 19.16 -8.11 -2.14
CA LEU B 206 19.70 -9.23 -1.37
C LEU B 206 18.85 -10.51 -1.54
N ALA B 207 17.56 -10.44 -1.22
CA ALA B 207 16.63 -11.59 -1.31
C ALA B 207 16.82 -12.24 -2.68
N ARG B 208 16.82 -11.44 -3.74
CA ARG B 208 16.90 -11.96 -5.16
C ARG B 208 18.22 -12.65 -5.48
N HIS B 209 19.33 -12.03 -5.08
CA HIS B 209 20.66 -12.63 -5.26
C HIS B 209 20.86 -13.90 -4.43
N LEU B 210 20.12 -14.01 -3.34
CA LEU B 210 20.09 -15.21 -2.58
C LEU B 210 19.05 -16.23 -3.03
N GLY B 211 18.41 -16.06 -4.18
CA GLY B 211 17.52 -17.11 -4.65
C GLY B 211 16.16 -17.12 -4.03
N THR B 212 15.70 -15.98 -3.45
CA THR B 212 14.41 -16.02 -2.74
C THR B 212 13.48 -14.94 -3.35
N LYS B 213 12.16 -15.11 -3.20
CA LYS B 213 11.24 -14.07 -3.65
C LYS B 213 10.82 -13.31 -2.41
N ALA B 214 11.10 -12.00 -2.40
CA ALA B 214 10.90 -11.12 -1.21
C ALA B 214 9.47 -11.07 -0.75
N GLU B 215 8.54 -10.88 -1.69
CA GLU B 215 7.11 -10.80 -1.32
C GLU B 215 6.59 -12.08 -0.69
N ILE B 216 6.89 -13.21 -1.29
CA ILE B 216 6.53 -14.50 -0.67
C ILE B 216 7.26 -14.74 0.68
N ALA B 217 8.55 -14.44 0.73
CA ALA B 217 9.27 -14.61 2.01
C ALA B 217 8.61 -13.80 3.16
N LEU B 218 8.23 -12.53 2.90
CA LEU B 218 7.63 -11.77 3.98
C LEU B 218 6.22 -12.26 4.29
N GLN B 219 5.46 -12.70 3.29
CA GLN B 219 4.15 -13.35 3.60
C GLN B 219 4.27 -14.49 4.52
N LYS B 220 5.30 -15.33 4.34
CA LYS B 220 5.47 -16.43 5.23
C LYS B 220 5.98 -15.97 6.61
N ALA B 221 6.79 -14.89 6.70
CA ALA B 221 7.09 -14.30 8.00
C ALA B 221 5.85 -13.66 8.63
N ASN B 222 4.99 -13.03 7.84
CA ASN B 222 3.78 -12.48 8.44
C ASN B 222 2.96 -13.60 9.13
N GLU B 223 2.89 -14.76 8.48
CA GLU B 223 2.07 -15.90 9.00
C GLU B 223 2.70 -16.51 10.20
N LYS B 224 4.02 -16.72 10.20
CA LYS B 224 4.71 -17.17 11.42
C LYS B 224 4.47 -16.21 12.60
N PHE B 225 4.66 -14.90 12.38
CA PHE B 225 4.48 -13.96 13.46
C PHE B 225 3.05 -14.04 13.97
N GLU B 226 2.10 -13.96 13.08
CA GLU B 226 0.68 -13.95 13.46
C GLU B 226 0.26 -15.23 14.22
N ARG B 227 0.73 -16.39 13.76
CA ARG B 227 0.57 -17.66 14.49
C ARG B 227 1.00 -17.55 15.94
N ARG B 228 2.23 -17.09 16.15
CA ARG B 228 2.82 -17.01 17.48
C ARG B 228 2.14 -15.95 18.38
N PHE B 229 1.80 -14.79 17.82
CA PHE B 229 1.09 -13.79 18.61
C PHE B 229 -0.28 -14.35 19.06
N ARG B 230 -0.97 -15.04 18.15
CA ARG B 230 -2.22 -15.72 18.47
C ARG B 230 -2.14 -16.70 19.62
N GLU B 231 -1.05 -17.46 19.68
CA GLU B 231 -0.75 -18.33 20.85
C GLU B 231 -0.53 -17.60 22.18
N VAL B 232 0.22 -16.52 22.11
CA VAL B 232 0.39 -15.59 23.24
C VAL B 232 -0.92 -15.02 23.70
N GLU B 233 -1.78 -14.62 22.79
CA GLU B 233 -3.14 -14.18 23.09
C GLU B 233 -3.95 -15.27 23.83
N ARG B 234 -3.88 -16.51 23.33
CA ARG B 234 -4.56 -17.66 23.96
C ARG B 234 -4.09 -17.91 25.41
N ILE B 235 -2.77 -18.05 25.61
CA ILE B 235 -2.13 -18.25 26.90
C ILE B 235 -2.48 -17.24 28.00
N VAL B 236 -2.47 -15.96 27.62
CA VAL B 236 -2.94 -14.89 28.46
C VAL B 236 -4.43 -14.99 28.71
N ALA B 237 -5.24 -15.16 27.67
CA ALA B 237 -6.66 -15.34 27.93
C ALA B 237 -6.94 -16.52 28.93
N ALA B 238 -6.06 -17.54 28.92
CA ALA B 238 -6.23 -18.75 29.73
C ALA B 238 -5.96 -18.52 31.23
N ARG B 239 -5.40 -17.35 31.51
CA ARG B 239 -5.04 -16.91 32.84
C ARG B 239 -6.22 -16.00 33.19
N GLY B 240 -7.08 -15.78 32.19
CA GLY B 240 -8.24 -14.90 32.31
C GLY B 240 -7.94 -13.41 32.28
N LEU B 241 -6.74 -13.09 31.79
CA LEU B 241 -6.25 -11.70 31.69
C LEU B 241 -6.55 -11.09 30.35
N GLU B 242 -6.45 -9.78 30.31
CA GLU B 242 -6.53 -9.01 29.06
C GLU B 242 -5.10 -8.78 28.57
N MET B 243 -4.90 -8.78 27.26
CA MET B 243 -3.57 -8.45 26.74
C MET B 243 -3.21 -7.01 27.13
N THR B 244 -4.22 -6.14 27.10
CA THR B 244 -4.06 -4.76 27.51
C THR B 244 -4.04 -4.64 29.03
N GLY B 245 -3.76 -5.74 29.72
CA GLY B 245 -3.74 -5.71 31.17
C GLY B 245 -2.62 -6.62 31.62
N VAL B 246 -1.66 -6.78 30.73
CA VAL B 246 -0.44 -7.56 30.97
C VAL B 246 0.73 -6.63 30.70
N ASP B 247 1.79 -6.71 31.49
CA ASP B 247 2.93 -5.83 31.24
C ASP B 247 3.78 -6.37 30.06
N LEU B 248 4.62 -5.54 29.45
CA LEU B 248 5.42 -5.97 28.26
C LEU B 248 6.35 -7.13 28.58
N GLU B 249 6.88 -7.15 29.82
CA GLU B 249 7.81 -8.19 30.24
C GLU B 249 7.16 -9.57 30.28
N THR B 250 5.84 -9.59 30.56
CA THR B 250 5.05 -10.80 30.66
C THR B 250 4.80 -11.32 29.26
N MET B 251 4.31 -10.41 28.41
CA MET B 251 4.20 -10.62 26.95
C MET B 251 5.47 -11.21 26.34
N GLU B 252 6.62 -10.63 26.63
CA GLU B 252 7.87 -11.17 26.13
C GLU B 252 8.19 -12.54 26.66
N GLU B 253 7.95 -12.81 27.95
CA GLU B 253 8.22 -14.14 28.47
C GLU B 253 7.27 -15.21 27.85
N VAL B 254 5.98 -14.94 27.77
CA VAL B 254 5.08 -15.80 27.00
C VAL B 254 5.64 -16.00 25.59
N TRP B 255 5.80 -14.91 24.81
CA TRP B 255 6.38 -14.95 23.45
C TRP B 255 7.53 -15.90 23.36
N GLN B 256 8.49 -15.79 24.28
CA GLN B 256 9.61 -16.72 24.36
C GLN B 256 9.19 -18.19 24.65
N GLN B 257 8.29 -18.42 25.60
CA GLN B 257 7.78 -19.78 25.83
C GLN B 257 7.17 -20.34 24.53
N VAL B 258 6.30 -19.56 23.90
CA VAL B 258 5.76 -20.00 22.64
C VAL B 258 6.87 -20.44 21.66
N LYS B 259 7.89 -19.60 21.48
CA LYS B 259 8.97 -19.91 20.54
C LYS B 259 9.84 -21.11 21.00
N ARG B 260 9.93 -21.34 22.30
CA ARG B 260 10.63 -22.51 22.82
C ARG B 260 9.79 -23.78 22.63
N GLN B 261 8.47 -23.60 22.54
CA GLN B 261 7.49 -24.66 22.31
C GLN B 261 7.39 -25.07 20.84
N GLU B 262 8.32 -24.62 20.01
CA GLU B 262 8.38 -25.09 18.63
C GLU B 262 9.51 -26.09 18.39
N ILE B 263 10.62 -25.91 19.12
CA ILE B 263 11.76 -26.85 19.06
C ILE B 263 11.90 -27.70 20.34
#